data_8T1V
#
_entry.id   8T1V
#
_cell.length_a   63.136
_cell.length_b   63.136
_cell.length_c   249.670
_cell.angle_alpha   90.00
_cell.angle_beta   90.00
_cell.angle_gamma   120.00
#
_symmetry.space_group_name_H-M   'P 32 2 1'
#
loop_
_entity.id
_entity.type
_entity.pdbx_description
1 polymer 'G-protein coupled receptor 6, Soluble cytochrome b562 chimera'
2 non-polymer 3-{4-[(2,4-difluorophenyl)methyl]piperazin-1-yl}-7-methyl-N-(propan-2-yl)pyrido[3,4-b]pyrazin-2-amine
3 non-polymer 'SODIUM ION'
4 water water
#
_entity_poly.entity_id   1
_entity_poly.type   'polypeptide(L)'
_entity_poly.pdbx_seq_one_letter_code
;MKTIIALSYIFCLVFADYKDDDDAGRAGGANGSLELSSQLSAGPPGLLLPAVNPWDVLLCVSGTVIAGENALVVALIAST
PALRTPMFVLVGSLATADLLAGLGLILHFVFQYLVPSETVSLLTVGFLVASFAASVSSLLAITVDRYLSLYNPLTYYSRR
TLLGVHLLLAATWTVSLGLGLLPVLGWNCLAERAACSVVRPLARSHVALLSAAFFMVFGIMLHLYVRICQVVWRHAADLE
DNWETLNDNLKVIEKADNAAQVKDALTKMRAAALDAQKATPPKLEDKSPDSPEMKDFRHGFDILVGQIDDALKLANEGKV
KEAQAAAEQLKTTRNAYIQKYLAHLAATRKGVRTLAVVLGTFGACWLPFAIYCVVGSHEDPAVYTYATLLPATLNSMINP
IIYAFRNQEIQRALWLLLDGCFQSKVPFRSRSPSEVEFLEVLFQGPHHHHHHHHH
;
_entity_poly.pdbx_strand_id   A
#
loop_
_chem_comp.id
_chem_comp.type
_chem_comp.name
_chem_comp.formula
NA non-polymer 'SODIUM ION' 'Na 1'
XY8 non-polymer 3-{4-[(2,4-difluorophenyl)methyl]piperazin-1-yl}-7-methyl-N-(propan-2-yl)pyrido[3,4-b]pyrazin-2-amine 'C22 H26 F2 N6'
#
# COMPACT_ATOMS: atom_id res chain seq x y z
N LEU A 48 14.70 27.59 -16.03
CA LEU A 48 15.92 26.82 -15.88
C LEU A 48 16.24 26.02 -17.13
N LEU A 49 15.72 26.46 -18.27
CA LEU A 49 15.99 25.75 -19.53
C LEU A 49 17.48 25.74 -19.86
N PRO A 50 18.19 26.87 -19.86
CA PRO A 50 19.64 26.85 -20.11
C PRO A 50 20.50 26.66 -18.87
N ALA A 51 19.90 26.35 -17.72
CA ALA A 51 20.61 26.24 -16.44
C ALA A 51 20.69 24.77 -16.06
N VAL A 52 21.79 24.12 -16.47
CA VAL A 52 21.94 22.69 -16.22
C VAL A 52 22.43 22.44 -14.81
N ASN A 53 23.52 23.10 -14.40
CA ASN A 53 23.99 22.93 -13.03
C ASN A 53 22.95 23.38 -12.02
N PRO A 54 22.27 24.53 -12.17
CA PRO A 54 21.18 24.86 -11.25
C PRO A 54 20.08 23.81 -11.24
N TRP A 55 19.86 23.08 -12.33
CA TRP A 55 19.00 21.90 -12.26
C TRP A 55 19.59 20.88 -11.31
N ASP A 56 20.91 20.69 -11.35
CA ASP A 56 21.55 19.71 -10.48
C ASP A 56 21.51 20.17 -9.03
N VAL A 57 21.90 21.41 -8.76
CA VAL A 57 21.95 21.86 -7.37
C VAL A 57 20.58 21.69 -6.73
N LEU A 58 19.52 21.86 -7.51
CA LEU A 58 18.18 21.59 -6.98
C LEU A 58 18.06 20.14 -6.53
N LEU A 59 18.54 19.20 -7.34
CA LEU A 59 18.49 17.80 -6.96
C LEU A 59 19.60 17.44 -5.98
N CYS A 60 20.75 18.12 -6.05
CA CYS A 60 21.88 17.77 -5.20
C CYS A 60 21.49 17.80 -3.73
N VAL A 61 20.91 18.90 -3.28
CA VAL A 61 20.50 18.99 -1.88
C VAL A 61 19.18 18.27 -1.66
N SER A 62 18.35 18.15 -2.70
CA SER A 62 17.10 17.41 -2.56
C SER A 62 17.36 15.95 -2.20
N GLY A 63 18.49 15.40 -2.66
CA GLY A 63 18.84 14.06 -2.25
C GLY A 63 19.09 13.95 -0.76
N THR A 64 19.70 14.98 -0.18
CA THR A 64 19.89 14.99 1.27
C THR A 64 18.54 14.96 1.99
N VAL A 65 17.58 15.75 1.51
CA VAL A 65 16.25 15.73 2.10
C VAL A 65 15.64 14.34 1.98
N ILE A 66 15.64 13.78 0.77
CA ILE A 66 15.03 12.48 0.56
C ILE A 66 15.73 11.42 1.39
N ALA A 67 17.06 11.46 1.43
CA ALA A 67 17.80 10.53 2.26
C ALA A 67 17.47 10.73 3.73
N GLY A 68 17.37 11.99 4.17
CA GLY A 68 17.12 12.25 5.57
C GLY A 68 15.74 11.83 6.00
N GLU A 69 14.71 12.30 5.31
CA GLU A 69 13.34 12.03 5.74
C GLU A 69 13.05 10.53 5.72
N ASN A 70 13.46 9.85 4.65
CA ASN A 70 13.26 8.41 4.59
C ASN A 70 14.02 7.70 5.69
N ALA A 71 15.26 8.15 5.97
CA ALA A 71 16.01 7.57 7.07
C ALA A 71 15.26 7.70 8.39
N LEU A 72 14.46 8.75 8.54
CA LEU A 72 13.63 8.88 9.74
C LEU A 72 12.48 7.87 9.73
N VAL A 73 11.81 7.73 8.59
CA VAL A 73 10.66 6.83 8.53
C VAL A 73 11.09 5.39 8.81
N VAL A 74 12.18 4.96 8.19
CA VAL A 74 12.62 3.58 8.38
C VAL A 74 12.88 3.31 9.85
N ALA A 75 13.38 4.32 10.58
CA ALA A 75 13.64 4.15 12.00
C ALA A 75 12.35 3.92 12.79
N LEU A 76 11.31 4.72 12.50
CA LEU A 76 10.08 4.62 13.29
C LEU A 76 9.44 3.24 13.12
N ILE A 77 9.42 2.71 11.90
CA ILE A 77 8.87 1.38 11.69
C ILE A 77 9.68 0.36 12.46
N ALA A 78 11.01 0.49 12.44
CA ALA A 78 11.87 -0.47 13.14
C ALA A 78 11.77 -0.29 14.65
N SER A 79 11.63 0.94 15.13
CA SER A 79 11.65 1.23 16.55
C SER A 79 10.26 1.34 17.17
N THR A 80 9.21 1.01 16.43
CA THR A 80 7.84 1.07 16.94
C THR A 80 7.16 -0.27 16.74
N PRO A 81 6.85 -1.02 17.81
CA PRO A 81 6.18 -2.31 17.61
C PRO A 81 4.83 -2.19 16.94
N ALA A 82 4.09 -1.10 17.22
CA ALA A 82 2.78 -0.92 16.60
C ALA A 82 2.88 -0.80 15.09
N LEU A 83 4.05 -0.45 14.56
CA LEU A 83 4.26 -0.35 13.13
C LEU A 83 4.89 -1.60 12.54
N ARG A 84 5.02 -2.67 13.32
CA ARG A 84 5.59 -3.92 12.83
C ARG A 84 4.61 -4.72 11.99
N THR A 85 3.36 -4.27 11.88
CA THR A 85 2.37 -5.00 11.10
C THR A 85 2.83 -5.10 9.65
N PRO A 86 2.40 -6.12 8.92
CA PRO A 86 2.86 -6.27 7.53
C PRO A 86 2.67 -5.03 6.68
N MET A 87 1.57 -4.30 6.88
CA MET A 87 1.34 -3.10 6.09
C MET A 87 2.50 -2.12 6.24
N PHE A 88 2.86 -1.80 7.47
CA PHE A 88 3.88 -0.78 7.71
C PHE A 88 5.29 -1.32 7.46
N VAL A 89 5.50 -2.63 7.61
CA VAL A 89 6.80 -3.20 7.26
C VAL A 89 7.06 -3.01 5.77
N LEU A 90 6.05 -3.28 4.94
CA LEU A 90 6.20 -3.07 3.50
C LEU A 90 6.38 -1.60 3.17
N VAL A 91 5.66 -0.71 3.87
CA VAL A 91 5.87 0.72 3.67
C VAL A 91 7.30 1.09 4.03
N GLY A 92 7.83 0.51 5.11
CA GLY A 92 9.21 0.77 5.47
C GLY A 92 10.18 0.40 4.36
N SER A 93 9.92 -0.71 3.68
CA SER A 93 10.76 -1.11 2.56
C SER A 93 10.75 -0.05 1.47
N LEU A 94 9.58 0.52 1.19
CA LEU A 94 9.51 1.62 0.24
C LEU A 94 10.37 2.79 0.70
N ALA A 95 10.32 3.12 1.99
CA ALA A 95 11.16 4.19 2.51
C ALA A 95 12.63 3.87 2.30
N THR A 96 13.03 2.62 2.55
CA THR A 96 14.40 2.22 2.27
C THR A 96 14.71 2.35 0.78
N ALA A 97 13.74 2.00 -0.07
CA ALA A 97 13.91 2.19 -1.50
C ALA A 97 14.00 3.68 -1.85
N ASP A 98 13.08 4.48 -1.30
CA ASP A 98 13.18 5.92 -1.47
C ASP A 98 14.41 6.47 -0.76
N LEU A 99 14.87 5.80 0.29
CA LEU A 99 16.11 6.20 0.94
C LEU A 99 17.29 6.06 -0.01
N LEU A 100 17.40 4.91 -0.68
CA LEU A 100 18.50 4.72 -1.61
C LEU A 100 18.48 5.74 -2.74
N ALA A 101 17.29 6.24 -3.09
CA ALA A 101 17.21 7.28 -4.11
C ALA A 101 17.95 8.54 -3.67
N GLY A 102 17.76 8.96 -2.42
CA GLY A 102 18.47 10.13 -1.92
C GLY A 102 19.96 9.91 -1.82
N LEU A 103 20.36 8.74 -1.30
CA LEU A 103 21.78 8.44 -1.20
C LEU A 103 22.43 8.32 -2.58
N GLY A 104 21.76 7.65 -3.50
CA GLY A 104 22.38 7.39 -4.79
C GLY A 104 22.73 8.67 -5.53
N LEU A 105 21.78 9.61 -5.61
CA LEU A 105 22.04 10.85 -6.32
C LEU A 105 22.99 11.74 -5.54
N ILE A 106 22.99 11.63 -4.21
CA ILE A 106 23.94 12.41 -3.42
C ILE A 106 25.36 11.98 -3.74
N LEU A 107 25.62 10.66 -3.70
CA LEU A 107 26.92 10.17 -4.11
C LEU A 107 27.18 10.37 -5.60
N HIS A 108 26.11 10.50 -6.40
CA HIS A 108 26.30 10.75 -7.82
C HIS A 108 26.92 12.13 -8.05
N PHE A 109 26.34 13.16 -7.45
CA PHE A 109 26.92 14.50 -7.56
C PHE A 109 28.30 14.54 -6.91
N VAL A 110 28.44 13.95 -5.72
CA VAL A 110 29.72 13.97 -5.03
C VAL A 110 30.79 13.30 -5.88
N PHE A 111 30.40 12.35 -6.72
CA PHE A 111 31.34 11.65 -7.58
C PHE A 111 31.28 12.11 -9.03
N GLN A 112 30.12 12.53 -9.53
CA GLN A 112 30.07 13.16 -10.84
C GLN A 112 30.94 14.42 -10.88
N TYR A 113 31.23 15.00 -9.72
CA TYR A 113 32.12 16.14 -9.60
C TYR A 113 33.26 15.77 -8.66
N LEU A 114 34.46 15.58 -9.23
CA LEU A 114 35.67 15.29 -8.46
C LEU A 114 35.51 13.98 -7.67
N VAL A 115 35.41 12.89 -8.42
CA VAL A 115 35.32 11.55 -7.85
C VAL A 115 36.66 10.82 -8.00
N PRO A 116 36.88 9.73 -7.26
CA PRO A 116 38.07 8.91 -7.53
C PRO A 116 38.14 8.38 -8.96
N SER A 117 37.00 7.98 -9.53
CA SER A 117 36.96 7.45 -10.88
C SER A 117 35.51 7.39 -11.34
N GLU A 118 35.33 7.26 -12.66
CA GLU A 118 34.00 7.16 -13.25
C GLU A 118 33.37 5.79 -13.03
N THR A 119 34.19 4.74 -12.90
CA THR A 119 33.64 3.42 -12.62
C THR A 119 32.78 3.44 -11.37
N VAL A 120 33.17 4.22 -10.37
CA VAL A 120 32.35 4.34 -9.17
C VAL A 120 31.01 4.95 -9.52
N SER A 121 31.00 5.98 -10.37
CA SER A 121 29.75 6.57 -10.84
C SER A 121 28.86 5.52 -11.52
N LEU A 122 29.46 4.47 -12.07
CA LEU A 122 28.68 3.38 -12.65
C LEU A 122 28.04 2.51 -11.57
N LEU A 123 28.58 2.52 -10.35
CA LEU A 123 27.88 1.87 -9.24
C LEU A 123 26.74 2.73 -8.73
N THR A 124 26.93 4.06 -8.68
CA THR A 124 25.89 4.94 -8.15
C THR A 124 24.63 4.86 -9.01
N VAL A 125 24.80 4.82 -10.34
CA VAL A 125 23.64 4.68 -11.21
C VAL A 125 22.89 3.39 -10.86
N GLY A 126 23.61 2.37 -10.43
CA GLY A 126 22.95 1.16 -9.95
C GLY A 126 22.09 1.43 -8.73
N PHE A 127 22.56 2.30 -7.83
CA PHE A 127 21.74 2.69 -6.69
C PHE A 127 20.44 3.32 -7.14
N LEU A 128 20.50 4.24 -8.11
CA LEU A 128 19.28 4.84 -8.64
C LEU A 128 18.42 3.80 -9.34
N VAL A 129 19.05 2.89 -10.09
CA VAL A 129 18.31 1.78 -10.67
C VAL A 129 17.76 0.88 -9.57
N ALA A 130 18.58 0.58 -8.56
CA ALA A 130 18.12 -0.28 -7.47
C ALA A 130 16.98 0.37 -6.70
N SER A 131 17.07 1.67 -6.46
CA SER A 131 16.00 2.35 -5.73
C SER A 131 14.69 2.28 -6.50
N PHE A 132 14.73 2.52 -7.81
CA PHE A 132 13.51 2.50 -8.60
C PHE A 132 12.87 1.13 -8.59
N ALA A 133 13.67 0.08 -8.78
CA ALA A 133 13.13 -1.28 -8.72
C ALA A 133 12.64 -1.61 -7.32
N ALA A 134 13.38 -1.19 -6.30
CA ALA A 134 12.96 -1.45 -4.92
C ALA A 134 11.75 -0.63 -4.53
N SER A 135 11.52 0.50 -5.18
CA SER A 135 10.34 1.31 -4.89
C SER A 135 9.10 0.74 -5.58
N VAL A 136 9.18 0.49 -6.89
CA VAL A 136 8.04 -0.05 -7.60
C VAL A 136 7.69 -1.43 -7.07
N SER A 137 8.70 -2.28 -6.86
CA SER A 137 8.43 -3.64 -6.42
C SER A 137 7.68 -3.65 -5.10
N SER A 138 8.19 -2.91 -4.10
CA SER A 138 7.52 -2.87 -2.81
C SER A 138 6.15 -2.22 -2.92
N LEU A 139 6.01 -1.23 -3.80
CA LEU A 139 4.72 -0.58 -3.98
C LEU A 139 3.67 -1.58 -4.45
N LEU A 140 4.07 -2.52 -5.32
CA LEU A 140 3.19 -3.63 -5.65
C LEU A 140 2.91 -4.48 -4.42
N ALA A 141 3.94 -4.72 -3.59
CA ALA A 141 3.78 -5.59 -2.44
C ALA A 141 2.74 -5.05 -1.47
N ILE A 142 2.70 -3.72 -1.30
CA ILE A 142 1.70 -3.14 -0.41
C ILE A 142 0.30 -3.40 -0.94
N THR A 143 0.15 -3.51 -2.26
CA THR A 143 -1.18 -3.71 -2.84
C THR A 143 -1.72 -5.10 -2.50
N VAL A 144 -0.93 -6.14 -2.71
CA VAL A 144 -1.40 -7.49 -2.40
C VAL A 144 -1.70 -7.62 -0.92
N ASP A 145 -0.89 -6.97 -0.07
CA ASP A 145 -1.19 -7.00 1.36
C ASP A 145 -2.55 -6.40 1.64
N ARG A 146 -2.87 -5.28 0.99
CA ARG A 146 -4.19 -4.68 1.15
C ARG A 146 -5.28 -5.61 0.61
N TYR A 147 -5.08 -6.14 -0.59
CA TYR A 147 -6.08 -7.03 -1.18
C TYR A 147 -6.24 -8.28 -0.33
N LEU A 148 -5.13 -8.94 0.00
CA LEU A 148 -5.20 -10.16 0.79
C LEU A 148 -5.78 -9.90 2.17
N SER A 149 -5.38 -8.80 2.80
CA SER A 149 -5.92 -8.47 4.12
C SER A 149 -7.43 -8.26 4.04
N LEU A 150 -7.88 -7.52 3.02
CA LEU A 150 -9.31 -7.26 2.88
C LEU A 150 -10.05 -8.46 2.30
N TYR A 151 -9.39 -9.24 1.44
CA TYR A 151 -10.08 -10.33 0.75
C TYR A 151 -10.69 -11.31 1.75
N ASN A 152 -9.89 -11.76 2.72
CA ASN A 152 -10.37 -12.70 3.72
C ASN A 152 -9.46 -12.63 4.94
N PRO A 153 -9.71 -11.71 5.87
CA PRO A 153 -8.78 -11.56 7.00
C PRO A 153 -8.55 -12.82 7.81
N LEU A 154 -9.56 -13.69 7.91
CA LEU A 154 -9.36 -14.93 8.65
C LEU A 154 -8.28 -15.79 8.00
N THR A 155 -8.29 -15.87 6.66
CA THR A 155 -7.20 -16.53 5.96
C THR A 155 -5.94 -15.69 6.00
N TYR A 156 -6.07 -14.38 6.26
CA TYR A 156 -4.92 -13.49 6.42
C TYR A 156 -4.31 -13.74 7.81
N TYR A 157 -3.86 -14.97 8.01
CA TYR A 157 -3.36 -15.41 9.29
C TYR A 157 -1.92 -14.95 9.50
N SER A 158 -1.48 -14.99 10.76
CA SER A 158 -0.13 -14.56 11.11
C SER A 158 0.94 -15.50 10.57
N ARG A 159 0.57 -16.68 10.08
CA ARG A 159 1.55 -17.62 9.56
C ARG A 159 1.81 -17.40 8.08
N ARG A 160 0.76 -17.49 7.25
CA ARG A 160 0.96 -17.28 5.82
C ARG A 160 1.41 -15.87 5.53
N THR A 161 0.80 -14.87 6.17
CA THR A 161 1.15 -13.48 5.90
C THR A 161 2.59 -13.18 6.28
N LEU A 162 2.92 -13.31 7.56
CA LEU A 162 4.27 -12.99 8.01
C LEU A 162 5.32 -13.80 7.25
N LEU A 163 4.99 -15.03 6.87
CA LEU A 163 5.88 -15.78 6.00
C LEU A 163 6.05 -15.07 4.67
N GLY A 164 4.93 -14.75 4.01
CA GLY A 164 5.00 -14.11 2.71
C GLY A 164 5.64 -12.73 2.76
N VAL A 165 5.46 -12.01 3.87
CA VAL A 165 6.00 -10.66 3.98
C VAL A 165 7.52 -10.68 3.87
N HIS A 166 8.18 -11.60 4.57
CA HIS A 166 9.63 -11.68 4.49
C HIS A 166 10.08 -12.07 3.09
N LEU A 167 9.32 -12.90 2.39
CA LEU A 167 9.65 -13.24 1.01
C LEU A 167 9.41 -12.06 0.08
N LEU A 168 8.38 -11.25 0.33
CA LEU A 168 8.15 -10.06 -0.49
C LEU A 168 9.35 -9.13 -0.44
N LEU A 169 9.81 -8.80 0.76
CA LEU A 169 11.00 -7.97 0.88
C LEU A 169 12.22 -8.69 0.31
N ALA A 170 12.38 -9.96 0.65
CA ALA A 170 13.51 -10.73 0.13
C ALA A 170 13.47 -10.82 -1.38
N ALA A 171 12.30 -11.18 -1.93
CA ALA A 171 12.16 -11.24 -3.38
C ALA A 171 12.24 -9.85 -4.00
N THR A 172 12.07 -8.79 -3.21
CA THR A 172 12.13 -7.43 -3.73
C THR A 172 13.57 -6.94 -3.82
N TRP A 173 14.28 -6.95 -2.69
CA TRP A 173 15.61 -6.37 -2.66
C TRP A 173 16.64 -7.26 -3.36
N THR A 174 16.45 -8.58 -3.32
CA THR A 174 17.36 -9.46 -4.05
C THR A 174 17.28 -9.18 -5.55
N VAL A 175 16.13 -8.74 -6.04
CA VAL A 175 15.99 -8.39 -7.44
C VAL A 175 16.40 -6.95 -7.68
N SER A 176 15.89 -6.03 -6.86
CA SER A 176 16.19 -4.61 -7.05
C SER A 176 17.70 -4.36 -7.06
N LEU A 177 18.40 -4.90 -6.06
CA LEU A 177 19.85 -4.79 -6.05
C LEU A 177 20.47 -5.49 -7.25
N GLY A 178 19.97 -6.69 -7.57
CA GLY A 178 20.51 -7.41 -8.71
C GLY A 178 20.44 -6.59 -9.99
N LEU A 179 19.30 -5.94 -10.24
CA LEU A 179 19.20 -5.06 -11.38
C LEU A 179 20.19 -3.90 -11.27
N GLY A 180 20.33 -3.35 -10.07
CA GLY A 180 21.29 -2.28 -9.86
C GLY A 180 22.73 -2.70 -10.03
N LEU A 181 23.02 -4.00 -9.87
CA LEU A 181 24.37 -4.51 -10.03
C LEU A 181 24.67 -4.94 -11.46
N LEU A 182 23.65 -5.24 -12.26
CA LEU A 182 23.87 -5.61 -13.65
C LEU A 182 24.75 -4.61 -14.39
N PRO A 183 24.60 -3.30 -14.24
CA PRO A 183 25.52 -2.39 -14.96
C PRO A 183 26.98 -2.61 -14.63
N VAL A 184 27.28 -3.12 -13.44
CA VAL A 184 28.68 -3.26 -12.99
C VAL A 184 29.21 -4.60 -13.47
N LEU A 185 28.42 -5.33 -14.25
CA LEU A 185 28.87 -6.58 -14.84
C LEU A 185 28.92 -6.52 -16.35
N GLY A 186 28.63 -5.38 -16.96
CA GLY A 186 28.72 -5.27 -18.41
C GLY A 186 27.52 -4.59 -19.02
N TRP A 187 26.42 -4.51 -18.29
CA TRP A 187 25.18 -3.90 -18.80
C TRP A 187 25.26 -2.38 -18.72
N ASN A 188 26.22 -1.82 -19.47
CA ASN A 188 26.40 -0.37 -19.56
C ASN A 188 26.48 0.00 -21.04
N CYS A 189 26.63 1.29 -21.30
CA CYS A 189 26.58 1.83 -22.65
C CYS A 189 27.91 2.40 -23.12
N LEU A 190 29.00 2.13 -22.41
CA LEU A 190 30.30 2.72 -22.71
C LEU A 190 31.06 1.97 -23.81
N ALA A 191 30.36 1.19 -24.63
CA ALA A 191 30.96 0.47 -25.74
C ALA A 191 30.67 1.18 -27.06
N GLU A 192 31.51 0.91 -28.05
CA GLU A 192 31.32 1.51 -29.37
C GLU A 192 30.10 0.95 -30.09
N ARG A 193 29.60 -0.21 -29.67
CA ARG A 193 28.45 -0.86 -30.29
C ARG A 193 27.23 -0.83 -29.36
N ALA A 194 27.06 0.27 -28.64
CA ALA A 194 25.95 0.42 -27.70
C ALA A 194 25.64 1.90 -27.55
N ALA A 195 24.38 2.26 -27.77
CA ALA A 195 23.95 3.65 -27.69
C ALA A 195 23.51 3.99 -26.27
N CYS A 196 24.05 5.08 -25.73
CA CYS A 196 23.75 5.49 -24.38
C CYS A 196 22.35 6.09 -24.29
N SER A 197 21.80 6.06 -23.08
CA SER A 197 20.49 6.60 -22.80
C SER A 197 20.64 8.00 -22.22
N VAL A 198 19.50 8.58 -21.83
CA VAL A 198 19.53 9.91 -21.23
C VAL A 198 20.21 9.90 -19.87
N VAL A 199 20.32 8.75 -19.23
CA VAL A 199 20.97 8.63 -17.93
C VAL A 199 22.14 7.68 -18.12
N ARG A 200 23.31 8.23 -18.43
CA ARG A 200 24.49 7.41 -18.63
C ARG A 200 24.98 6.90 -17.28
N PRO A 201 25.73 5.78 -17.27
CA PRO A 201 26.15 4.95 -18.41
C PRO A 201 25.09 3.92 -18.81
N LEU A 202 23.82 4.12 -18.47
CA LEU A 202 22.80 3.14 -18.82
C LEU A 202 22.51 3.18 -20.32
N ALA A 203 22.42 2.00 -20.93
CA ALA A 203 22.15 1.89 -22.35
C ALA A 203 20.66 2.02 -22.63
N ARG A 204 20.33 2.49 -23.84
CA ARG A 204 18.93 2.62 -24.22
C ARG A 204 18.23 1.28 -24.19
N SER A 205 18.94 0.22 -24.57
CA SER A 205 18.33 -1.12 -24.57
C SER A 205 17.87 -1.51 -23.19
N HIS A 206 18.70 -1.27 -22.17
CA HIS A 206 18.39 -1.74 -20.83
C HIS A 206 17.38 -0.84 -20.13
N VAL A 207 17.52 0.48 -20.28
CA VAL A 207 16.54 1.39 -19.68
C VAL A 207 15.18 1.15 -20.31
N ALA A 208 15.14 0.79 -21.60
CA ALA A 208 13.88 0.50 -22.25
C ALA A 208 13.20 -0.72 -21.65
N LEU A 209 13.96 -1.78 -21.38
CA LEU A 209 13.37 -2.96 -20.75
C LEU A 209 12.86 -2.62 -19.37
N LEU A 210 13.62 -1.83 -18.60
CA LEU A 210 13.12 -1.36 -17.31
C LEU A 210 11.86 -0.53 -17.49
N SER A 211 11.85 0.34 -18.50
CA SER A 211 10.66 1.15 -18.76
C SER A 211 9.48 0.27 -19.17
N ALA A 212 9.71 -0.65 -20.11
CA ALA A 212 8.63 -1.54 -20.53
C ALA A 212 8.16 -2.40 -19.36
N ALA A 213 9.09 -2.90 -18.55
CA ALA A 213 8.72 -3.68 -17.38
C ALA A 213 7.91 -2.83 -16.40
N PHE A 214 8.30 -1.57 -16.23
CA PHE A 214 7.58 -0.69 -15.30
C PHE A 214 6.14 -0.49 -15.73
N PHE A 215 5.90 -0.31 -17.03
CA PHE A 215 4.54 -0.11 -17.50
C PHE A 215 3.66 -1.31 -17.16
N MET A 216 4.16 -2.51 -17.44
CA MET A 216 3.38 -3.71 -17.15
C MET A 216 3.13 -3.86 -15.66
N VAL A 217 4.16 -3.62 -14.84
CA VAL A 217 3.98 -3.74 -13.40
C VAL A 217 2.95 -2.72 -12.90
N PHE A 218 3.05 -1.47 -13.38
CA PHE A 218 2.07 -0.47 -12.98
C PHE A 218 0.69 -0.78 -13.54
N GLY A 219 0.62 -1.45 -14.68
CA GLY A 219 -0.67 -1.84 -15.22
C GLY A 219 -1.37 -2.88 -14.37
N ILE A 220 -0.61 -3.76 -13.73
CA ILE A 220 -1.21 -4.79 -12.88
C ILE A 220 -1.60 -4.21 -11.54
N MET A 221 -0.77 -3.33 -10.99
CA MET A 221 -1.10 -2.72 -9.70
C MET A 221 -2.44 -2.00 -9.76
N LEU A 222 -2.77 -1.41 -10.91
CA LEU A 222 -4.07 -0.78 -11.07
C LEU A 222 -5.18 -1.82 -11.01
N HIS A 223 -4.96 -2.98 -11.65
CA HIS A 223 -5.99 -4.02 -11.64
C HIS A 223 -6.26 -4.51 -10.23
N LEU A 224 -5.21 -4.72 -9.43
CA LEU A 224 -5.42 -5.16 -8.06
C LEU A 224 -6.18 -4.13 -7.24
N TYR A 225 -5.88 -2.85 -7.45
CA TYR A 225 -6.59 -1.81 -6.72
C TYR A 225 -8.09 -1.90 -6.99
N VAL A 226 -8.48 -2.17 -8.24
CA VAL A 226 -9.88 -2.38 -8.53
C VAL A 226 -10.40 -3.61 -7.80
N ARG A 227 -9.63 -4.70 -7.85
CA ARG A 227 -10.01 -5.90 -7.11
C ARG A 227 -10.15 -5.59 -5.63
N ILE A 228 -9.28 -4.72 -5.09
CA ILE A 228 -9.43 -4.27 -3.72
C ILE A 228 -10.78 -3.56 -3.54
N CYS A 229 -11.10 -2.66 -4.47
CA CYS A 229 -12.39 -1.98 -4.40
C CYS A 229 -13.52 -2.98 -4.46
N GLN A 230 -13.46 -3.92 -5.40
CA GLN A 230 -14.49 -4.95 -5.48
C GLN A 230 -14.63 -5.68 -4.15
N VAL A 231 -13.51 -5.98 -3.50
CA VAL A 231 -13.55 -6.65 -2.20
C VAL A 231 -14.28 -5.76 -1.19
N VAL A 232 -13.91 -4.48 -1.14
CA VAL A 232 -14.53 -3.59 -0.17
C VAL A 232 -16.01 -3.40 -0.50
N TRP A 233 -16.33 -3.26 -1.79
CA TRP A 233 -17.72 -3.17 -2.20
C TRP A 233 -18.48 -4.42 -1.77
N ARG A 234 -17.90 -5.60 -2.04
CA ARG A 234 -18.57 -6.84 -1.68
C ARG A 234 -18.74 -6.96 -0.18
N HIS A 235 -17.70 -6.61 0.58
CA HIS A 235 -17.82 -6.62 2.04
C HIS A 235 -18.89 -5.63 2.50
N ALA A 236 -19.04 -4.51 1.79
CA ALA A 236 -20.08 -3.56 2.12
C ALA A 236 -21.45 -3.94 1.56
N ALA A 237 -21.50 -4.90 0.64
N ALA A 237 -21.50 -4.90 0.64
CA ALA A 237 -22.76 -5.32 0.04
CA ALA A 237 -22.76 -5.32 0.04
C ALA A 237 -23.44 -6.42 0.86
C ALA A 237 -23.44 -6.42 0.86
N ASP A 238 -22.70 -7.47 1.20
CA ASP A 238 -23.29 -8.55 1.99
C ASP A 238 -23.71 -8.06 3.36
N LEU A 239 -23.07 -7.01 3.89
CA LEU A 239 -23.44 -6.49 5.19
C LEU A 239 -24.86 -5.93 5.17
N GLU A 240 -25.23 -5.21 4.12
CA GLU A 240 -26.59 -4.67 4.04
C GLU A 240 -27.61 -5.80 3.98
N ASP A 241 -27.33 -6.86 3.22
CA ASP A 241 -28.26 -7.98 3.15
C ASP A 241 -28.47 -8.60 4.52
N ASN A 242 -27.39 -8.77 5.29
CA ASN A 242 -27.53 -9.27 6.66
C ASN A 242 -28.38 -8.33 7.49
N TRP A 243 -28.16 -7.03 7.37
CA TRP A 243 -28.97 -6.06 8.09
C TRP A 243 -30.44 -6.17 7.69
N GLU A 244 -30.72 -6.30 6.40
CA GLU A 244 -32.11 -6.41 5.95
C GLU A 244 -32.74 -7.68 6.51
N THR A 245 -32.09 -8.82 6.32
CA THR A 245 -32.61 -10.07 6.85
C THR A 245 -32.71 -10.02 8.37
N LEU A 246 -31.69 -9.46 9.02
CA LEU A 246 -31.71 -9.38 10.48
C LEU A 246 -32.90 -8.56 10.95
N ASN A 247 -33.17 -7.43 10.29
CA ASN A 247 -34.32 -6.61 10.68
C ASN A 247 -35.63 -7.27 10.27
N ASP A 248 -35.67 -7.88 9.08
CA ASP A 248 -36.88 -8.60 8.67
C ASP A 248 -37.18 -9.73 9.65
N ASN A 249 -36.15 -10.45 10.09
CA ASN A 249 -36.34 -11.52 11.05
C ASN A 249 -36.90 -10.99 12.37
N LEU A 250 -36.38 -9.84 12.83
CA LEU A 250 -36.88 -9.26 14.07
C LEU A 250 -38.35 -8.89 13.95
N LYS A 251 -38.74 -8.29 12.81
CA LYS A 251 -40.12 -7.87 12.64
C LYS A 251 -41.07 -9.06 12.54
N VAL A 252 -40.70 -10.07 11.74
CA VAL A 252 -41.57 -11.23 11.61
C VAL A 252 -41.67 -12.01 12.91
N ILE A 253 -40.68 -11.87 13.80
CA ILE A 253 -40.77 -12.51 15.11
C ILE A 253 -41.99 -11.99 15.86
N GLU A 254 -42.23 -10.68 15.77
CA GLU A 254 -43.40 -10.10 16.42
C GLU A 254 -44.70 -10.53 15.73
N LYS A 255 -44.66 -10.73 14.42
CA LYS A 255 -45.86 -11.04 13.64
C LYS A 255 -46.03 -12.56 13.48
N ALA A 256 -46.12 -13.25 14.62
CA ALA A 256 -46.36 -14.68 14.60
C ALA A 256 -46.66 -15.15 16.02
N ASP A 257 -47.66 -16.03 16.14
CA ASP A 257 -48.04 -16.62 17.42
C ASP A 257 -47.56 -18.05 17.57
N ASN A 258 -46.82 -18.59 16.60
CA ASN A 258 -46.28 -19.93 16.68
C ASN A 258 -44.86 -19.89 17.24
N ALA A 259 -44.56 -20.85 18.12
CA ALA A 259 -43.22 -20.94 18.70
C ALA A 259 -42.16 -21.34 17.69
N ALA A 260 -42.55 -21.80 16.51
CA ALA A 260 -41.58 -22.18 15.48
C ALA A 260 -41.16 -21.00 14.64
N GLN A 261 -42.10 -20.10 14.31
CA GLN A 261 -41.75 -18.92 13.54
C GLN A 261 -40.65 -18.12 14.23
N VAL A 262 -40.65 -18.11 15.56
CA VAL A 262 -39.58 -17.46 16.30
C VAL A 262 -38.26 -18.19 16.07
N LYS A 263 -38.29 -19.53 16.10
CA LYS A 263 -37.05 -20.28 15.91
C LYS A 263 -36.47 -20.05 14.53
N ASP A 264 -37.33 -20.04 13.50
CA ASP A 264 -36.83 -19.86 12.13
C ASP A 264 -36.15 -18.50 11.98
N ALA A 265 -36.79 -17.44 12.47
CA ALA A 265 -36.23 -16.10 12.34
C ALA A 265 -34.90 -16.00 13.08
N LEU A 266 -34.85 -16.52 14.30
CA LEU A 266 -33.60 -16.48 15.06
C LEU A 266 -32.51 -17.29 14.36
N THR A 267 -32.86 -18.47 13.83
CA THR A 267 -31.88 -19.27 13.12
C THR A 267 -31.40 -18.55 11.85
N LYS A 268 -32.34 -17.99 11.08
CA LYS A 268 -31.95 -17.14 9.96
C LYS A 268 -31.28 -15.86 10.43
N MET A 269 -31.53 -15.45 11.67
CA MET A 269 -30.88 -14.27 12.23
C MET A 269 -29.47 -14.58 12.69
N ARG A 270 -29.27 -15.73 13.34
CA ARG A 270 -27.94 -16.12 13.78
C ARG A 270 -27.00 -16.31 12.58
N ALA A 271 -27.51 -16.93 11.51
CA ALA A 271 -26.70 -17.11 10.32
C ALA A 271 -26.28 -15.77 9.74
N ALA A 272 -27.20 -14.82 9.69
CA ALA A 272 -26.85 -13.48 9.20
C ALA A 272 -25.81 -12.83 10.10
N ALA A 273 -25.96 -12.99 11.42
CA ALA A 273 -24.95 -12.45 12.33
C ALA A 273 -23.60 -13.11 12.12
N LEU A 274 -23.58 -14.42 11.88
CA LEU A 274 -22.31 -15.12 11.68
C LEU A 274 -21.65 -14.69 10.37
N ASP A 275 -22.43 -14.50 9.31
CA ASP A 275 -21.85 -14.13 8.02
C ASP A 275 -21.10 -12.81 8.10
N ALA A 276 -21.55 -11.89 8.98
CA ALA A 276 -20.85 -10.62 9.13
C ALA A 276 -19.50 -10.78 9.82
N GLN A 277 -19.26 -11.91 10.49
CA GLN A 277 -18.00 -12.10 11.19
C GLN A 277 -16.92 -12.65 10.27
N LYS A 278 -17.27 -13.62 9.42
CA LYS A 278 -16.28 -14.20 8.52
C LYS A 278 -15.79 -13.18 7.50
N ALA A 279 -16.61 -12.17 7.19
CA ALA A 279 -16.25 -11.19 6.18
C ALA A 279 -14.99 -10.44 6.56
N THR A 280 -15.04 -9.68 7.65
CA THR A 280 -13.93 -8.82 8.08
C THR A 280 -13.68 -9.01 9.57
N PRO A 281 -13.10 -10.16 9.96
CA PRO A 281 -12.77 -10.38 11.38
C PRO A 281 -11.54 -9.57 11.81
N ASP A 302 -20.03 -10.97 19.20
CA ASP A 302 -19.97 -11.91 20.31
C ASP A 302 -21.20 -11.81 21.18
N ILE A 303 -21.41 -10.63 21.76
CA ILE A 303 -22.57 -10.43 22.62
C ILE A 303 -23.85 -10.57 21.81
N LEU A 304 -23.83 -10.11 20.56
CA LEU A 304 -25.00 -10.25 19.70
C LEU A 304 -25.36 -11.72 19.53
N VAL A 305 -24.46 -12.50 18.94
CA VAL A 305 -24.72 -13.93 18.76
C VAL A 305 -24.96 -14.59 20.11
N GLY A 306 -24.18 -14.21 21.12
CA GLY A 306 -24.39 -14.76 22.44
C GLY A 306 -25.78 -14.46 22.97
N GLN A 307 -26.26 -13.24 22.76
CA GLN A 307 -27.63 -12.90 23.15
C GLN A 307 -28.65 -13.58 22.26
N ILE A 308 -28.32 -13.79 20.98
CA ILE A 308 -29.19 -14.60 20.13
C ILE A 308 -29.25 -16.03 20.65
N ASP A 309 -28.10 -16.56 21.07
CA ASP A 309 -28.09 -17.91 21.65
C ASP A 309 -29.00 -17.98 22.86
N ASP A 310 -28.90 -17.00 23.75
CA ASP A 310 -29.81 -16.95 24.89
C ASP A 310 -31.25 -16.79 24.43
N ALA A 311 -31.48 -15.95 23.42
CA ALA A 311 -32.81 -15.84 22.83
C ALA A 311 -33.22 -17.16 22.19
N LEU A 312 -32.30 -17.82 21.48
CA LEU A 312 -32.63 -19.11 20.87
C LEU A 312 -32.90 -20.16 21.94
N LYS A 313 -32.12 -20.14 23.03
CA LYS A 313 -32.31 -21.14 24.07
C LYS A 313 -33.71 -21.06 24.67
N LEU A 314 -34.31 -19.87 24.67
CA LEU A 314 -35.65 -19.72 25.24
C LEU A 314 -36.73 -20.16 24.26
N ALA A 315 -36.53 -19.88 22.97
CA ALA A 315 -37.57 -20.16 21.98
C ALA A 315 -37.88 -21.65 21.91
N ASN A 316 -36.85 -22.50 21.96
CA ASN A 316 -37.06 -23.93 21.81
C ASN A 316 -37.95 -24.48 22.92
N GLU A 317 -37.70 -24.05 24.17
CA GLU A 317 -38.40 -24.61 25.33
C GLU A 317 -39.62 -23.76 25.69
N GLY A 318 -40.50 -23.61 24.71
CA GLY A 318 -41.79 -22.97 24.91
C GLY A 318 -41.76 -21.71 25.75
N LYS A 319 -41.08 -20.68 25.25
CA LYS A 319 -41.01 -19.38 25.90
C LYS A 319 -41.24 -18.26 24.89
N VAL A 320 -42.30 -18.41 24.09
CA VAL A 320 -42.57 -17.44 23.02
C VAL A 320 -42.65 -16.02 23.59
N LYS A 321 -43.41 -15.85 24.67
CA LYS A 321 -43.59 -14.51 25.23
C LYS A 321 -42.27 -13.93 25.71
N GLU A 322 -41.47 -14.73 26.42
CA GLU A 322 -40.21 -14.22 26.94
C GLU A 322 -39.08 -14.28 25.90
N ALA A 323 -39.12 -15.25 24.99
CA ALA A 323 -38.11 -15.32 23.94
C ALA A 323 -38.15 -14.08 23.07
N GLN A 324 -39.36 -13.59 22.77
CA GLN A 324 -39.48 -12.35 22.01
C GLN A 324 -38.87 -11.18 22.77
N ALA A 325 -39.04 -11.16 24.09
CA ALA A 325 -38.45 -10.08 24.89
C ALA A 325 -36.94 -10.05 24.72
N ALA A 326 -36.29 -11.22 24.72
CA ALA A 326 -34.85 -11.26 24.51
C ALA A 326 -34.49 -10.79 23.11
N ALA A 327 -35.35 -11.07 22.12
CA ALA A 327 -35.08 -10.58 20.77
C ALA A 327 -35.09 -9.06 20.71
N GLU A 328 -35.92 -8.41 21.53
CA GLU A 328 -36.01 -6.96 21.52
C GLU A 328 -34.86 -6.30 22.28
N GLN A 329 -34.20 -7.02 23.19
CA GLN A 329 -33.00 -6.47 23.80
C GLN A 329 -31.81 -6.54 22.86
N LEU A 330 -31.86 -7.40 21.85
CA LEU A 330 -30.80 -7.43 20.86
C LEU A 330 -30.61 -6.07 20.24
N LYS A 331 -31.69 -5.29 20.12
CA LYS A 331 -31.58 -3.95 19.57
C LYS A 331 -30.57 -3.11 20.35
N THR A 332 -30.51 -3.28 21.67
CA THR A 332 -29.53 -2.55 22.47
C THR A 332 -28.12 -2.86 22.01
N THR A 333 -27.81 -4.15 21.85
CA THR A 333 -26.49 -4.52 21.35
C THR A 333 -26.39 -4.25 19.86
N ARG A 334 -27.47 -4.54 19.10
CA ARG A 334 -27.43 -4.37 17.66
C ARG A 334 -27.17 -2.92 17.29
N ASN A 335 -27.77 -1.97 18.01
CA ASN A 335 -27.48 -0.57 17.77
C ASN A 335 -26.00 -0.27 18.01
N ALA A 336 -25.43 -0.83 19.07
CA ALA A 336 -23.99 -0.71 19.28
C ALA A 336 -23.22 -1.61 18.31
N TYR A 337 -23.81 -2.73 17.89
CA TYR A 337 -23.13 -3.63 16.96
C TYR A 337 -23.00 -2.99 15.58
N ILE A 338 -24.07 -2.35 15.09
CA ILE A 338 -24.03 -1.76 13.77
C ILE A 338 -23.11 -0.54 13.75
N GLN A 339 -23.16 0.27 14.81
CA GLN A 339 -22.34 1.48 14.85
C GLN A 339 -20.85 1.17 14.84
N LYS A 340 -20.47 -0.08 15.13
CA LYS A 340 -19.06 -0.44 15.16
C LYS A 340 -18.53 -0.72 13.75
N TYR A 341 -19.29 -1.48 12.95
CA TYR A 341 -18.81 -1.89 11.64
C TYR A 341 -18.58 -0.68 10.73
N LEU A 342 -19.45 0.33 10.84
CA LEU A 342 -19.34 1.49 9.96
C LEU A 342 -17.99 2.16 10.07
N ALA A 343 -17.47 2.30 11.31
CA ALA A 343 -16.18 2.95 11.50
C ALA A 343 -15.06 2.17 10.83
N HIS A 344 -15.10 0.83 10.92
CA HIS A 344 -14.02 0.02 10.34
C HIS A 344 -13.92 0.23 8.84
N LEU A 345 -15.07 0.28 8.15
CA LEU A 345 -15.04 0.55 6.71
C LEU A 345 -14.51 1.94 6.43
N ALA A 346 -14.83 2.90 7.29
CA ALA A 346 -14.23 4.23 7.16
C ALA A 346 -12.72 4.14 7.25
N ALA A 347 -12.22 3.31 8.16
CA ALA A 347 -10.78 3.08 8.22
C ALA A 347 -10.28 2.35 6.98
N THR A 348 -11.06 1.40 6.48
CA THR A 348 -10.67 0.68 5.28
C THR A 348 -10.65 1.60 4.07
N ARG A 349 -11.69 2.43 3.90
CA ARG A 349 -11.75 3.30 2.74
C ARG A 349 -10.58 4.27 2.73
N LYS A 350 -10.30 4.89 3.87
CA LYS A 350 -9.16 5.81 3.94
C LYS A 350 -7.86 5.07 3.66
N GLY A 351 -7.69 3.87 4.22
CA GLY A 351 -6.51 3.09 3.93
C GLY A 351 -6.39 2.76 2.46
N VAL A 352 -7.49 2.40 1.83
CA VAL A 352 -7.48 2.18 0.38
C VAL A 352 -7.32 3.51 -0.34
N ARG A 353 -7.98 4.55 0.14
CA ARG A 353 -7.86 5.87 -0.49
C ARG A 353 -6.42 6.34 -0.48
N THR A 354 -5.74 6.16 0.65
CA THR A 354 -4.33 6.53 0.71
C THR A 354 -3.52 5.69 -0.28
N LEU A 355 -3.84 4.42 -0.41
CA LEU A 355 -3.18 3.59 -1.42
C LEU A 355 -3.42 4.17 -2.81
N ALA A 356 -4.63 4.66 -3.07
CA ALA A 356 -4.92 5.25 -4.37
C ALA A 356 -4.04 6.46 -4.62
N VAL A 357 -3.92 7.34 -3.63
CA VAL A 357 -3.14 8.56 -3.82
C VAL A 357 -1.68 8.22 -4.11
N VAL A 358 -1.12 7.27 -3.36
CA VAL A 358 0.28 6.93 -3.54
C VAL A 358 0.53 6.42 -4.95
N LEU A 359 -0.34 5.54 -5.43
CA LEU A 359 -0.17 4.99 -6.79
C LEU A 359 -0.23 6.10 -7.82
N GLY A 360 -1.17 7.02 -7.69
CA GLY A 360 -1.30 8.10 -8.65
C GLY A 360 -0.06 8.98 -8.70
N THR A 361 0.49 9.31 -7.54
CA THR A 361 1.69 10.14 -7.51
C THR A 361 2.88 9.39 -8.11
N PHE A 362 3.00 8.10 -7.80
CA PHE A 362 4.15 7.33 -8.28
C PHE A 362 4.22 7.35 -9.80
N GLY A 363 3.10 7.00 -10.46
CA GLY A 363 3.08 7.04 -11.91
C GLY A 363 3.22 8.45 -12.45
N ALA A 364 2.50 9.41 -11.87
CA ALA A 364 2.55 10.78 -12.35
C ALA A 364 3.93 11.39 -12.23
N CYS A 365 4.80 10.82 -11.38
CA CYS A 365 6.15 11.34 -11.18
C CYS A 365 7.23 10.50 -11.86
N TRP A 366 6.94 9.26 -12.22
CA TRP A 366 7.92 8.39 -12.84
C TRP A 366 7.64 8.12 -14.32
N LEU A 367 6.38 8.23 -14.75
CA LEU A 367 6.02 7.86 -16.11
C LEU A 367 6.67 8.79 -17.13
N PRO A 368 6.66 10.11 -16.93
CA PRO A 368 7.33 11.00 -17.92
C PRO A 368 8.75 10.58 -18.20
N PHE A 369 9.51 10.19 -17.18
CA PHE A 369 10.85 9.67 -17.43
C PHE A 369 10.77 8.31 -18.11
N ALA A 370 9.78 7.50 -17.74
CA ALA A 370 9.66 6.18 -18.34
C ALA A 370 9.47 6.26 -19.85
N ILE A 371 8.83 7.33 -20.33
CA ILE A 371 8.64 7.51 -21.76
C ILE A 371 9.83 8.22 -22.40
N TYR A 372 10.32 9.28 -21.76
CA TYR A 372 11.36 10.09 -22.38
C TYR A 372 12.63 9.26 -22.59
N CYS A 373 12.95 8.39 -21.65
CA CYS A 373 14.16 7.57 -21.80
C CYS A 373 14.05 6.56 -22.94
N VAL A 374 12.91 6.51 -23.64
CA VAL A 374 12.72 5.54 -24.72
C VAL A 374 12.46 6.24 -26.05
N VAL A 375 11.89 7.45 -26.01
CA VAL A 375 11.51 8.18 -27.21
C VAL A 375 12.32 9.44 -27.38
N GLY A 376 13.17 9.77 -26.41
CA GLY A 376 14.01 10.94 -26.53
C GLY A 376 15.17 10.71 -27.49
N SER A 377 15.82 11.81 -27.86
CA SER A 377 16.98 11.80 -28.74
C SER A 377 18.12 12.55 -28.08
N HIS A 378 19.35 12.13 -28.38
CA HIS A 378 20.50 12.83 -27.84
C HIS A 378 20.69 14.20 -28.50
N GLU A 379 19.93 14.49 -29.54
CA GLU A 379 19.85 15.83 -30.10
C GLU A 379 18.81 16.68 -29.39
N ASP A 380 18.19 16.15 -28.26
CA ASP A 380 17.17 16.93 -27.56
C ASP A 380 17.81 17.72 -26.43
N PRO A 381 17.28 18.90 -26.10
CA PRO A 381 17.84 19.69 -24.99
C PRO A 381 17.87 18.92 -23.67
N ALA A 382 18.69 19.42 -22.75
CA ALA A 382 18.85 18.78 -21.45
C ALA A 382 17.66 19.05 -20.54
N VAL A 383 16.98 20.18 -20.72
CA VAL A 383 15.86 20.52 -19.84
C VAL A 383 14.81 19.43 -19.86
N TYR A 384 14.62 18.78 -21.02
CA TYR A 384 13.68 17.67 -21.08
C TYR A 384 14.10 16.53 -20.17
N THR A 385 15.40 16.41 -19.89
CA THR A 385 15.86 15.35 -18.99
C THR A 385 15.47 15.65 -17.55
N TYR A 386 15.87 16.81 -17.05
CA TYR A 386 15.58 17.15 -15.67
C TYR A 386 14.07 17.33 -15.45
N ALA A 387 13.36 17.82 -16.47
CA ALA A 387 11.91 17.96 -16.33
C ALA A 387 11.26 16.61 -16.08
N THR A 388 11.90 15.52 -16.51
CA THR A 388 11.40 14.17 -16.24
C THR A 388 12.02 13.57 -14.99
N LEU A 389 13.25 13.95 -14.64
CA LEU A 389 13.85 13.51 -13.40
C LEU A 389 13.32 14.29 -12.20
N LEU A 390 13.03 15.57 -12.38
CA LEU A 390 12.57 16.39 -11.25
C LEU A 390 11.35 15.79 -10.57
N PRO A 391 10.30 15.38 -11.28
CA PRO A 391 9.18 14.74 -10.57
C PRO A 391 9.57 13.40 -9.98
N ALA A 392 10.33 12.59 -10.72
CA ALA A 392 10.75 11.29 -10.21
C ALA A 392 11.63 11.46 -8.98
N THR A 393 12.55 12.42 -9.02
CA THR A 393 13.40 12.66 -7.85
C THR A 393 12.57 13.07 -6.65
N LEU A 394 11.69 14.06 -6.80
CA LEU A 394 10.91 14.55 -5.68
C LEU A 394 9.77 13.61 -5.32
N ASN A 395 9.54 12.56 -6.11
CA ASN A 395 8.54 11.56 -5.72
C ASN A 395 8.91 10.91 -4.40
N SER A 396 10.19 10.57 -4.23
CA SER A 396 10.66 10.03 -2.96
C SER A 396 10.58 11.05 -1.84
N MET A 397 10.59 12.35 -2.16
CA MET A 397 10.41 13.38 -1.14
C MET A 397 8.95 13.51 -0.72
N ILE A 398 8.02 13.21 -1.62
CA ILE A 398 6.61 13.36 -1.32
C ILE A 398 6.02 12.13 -0.64
N ASN A 399 6.56 10.94 -0.92
CA ASN A 399 6.00 9.73 -0.34
C ASN A 399 6.01 9.77 1.18
N PRO A 400 7.09 10.15 1.85
CA PRO A 400 7.03 10.24 3.32
C PRO A 400 5.96 11.19 3.80
N ILE A 401 5.66 12.24 3.03
CA ILE A 401 4.69 13.24 3.45
C ILE A 401 3.26 12.70 3.41
N ILE A 402 2.95 11.85 2.43
CA ILE A 402 1.57 11.41 2.23
C ILE A 402 1.07 10.65 3.45
N TYR A 403 1.84 9.66 3.91
CA TYR A 403 1.38 8.80 5.01
C TYR A 403 1.15 9.58 6.29
N ALA A 404 1.97 10.60 6.55
CA ALA A 404 1.81 11.38 7.77
C ALA A 404 0.46 12.09 7.80
N PHE A 405 0.06 12.69 6.68
CA PHE A 405 -1.17 13.47 6.63
C PHE A 405 -2.42 12.61 6.52
N ARG A 406 -2.27 11.32 6.19
CA ARG A 406 -3.41 10.44 5.98
C ARG A 406 -3.48 9.33 7.02
N ASN A 407 -2.42 8.55 7.18
CA ASN A 407 -2.43 7.42 8.10
C ASN A 407 -2.20 7.92 9.51
N GLN A 408 -3.19 7.70 10.38
CA GLN A 408 -3.11 8.20 11.75
C GLN A 408 -2.17 7.36 12.61
N GLU A 409 -2.10 6.05 12.35
CA GLU A 409 -1.31 5.17 13.21
C GLU A 409 0.16 5.59 13.23
N ILE A 410 0.69 5.95 12.05
CA ILE A 410 2.08 6.40 12.00
C ILE A 410 2.21 7.89 12.32
N GLN A 411 1.17 8.68 12.05
CA GLN A 411 1.23 10.09 12.38
C GLN A 411 1.34 10.31 13.88
N ARG A 412 0.79 9.39 14.68
CA ARG A 412 0.85 9.55 16.14
C ARG A 412 2.30 9.56 16.63
N ALA A 413 3.12 8.65 16.12
CA ALA A 413 4.51 8.61 16.54
C ALA A 413 5.26 9.86 16.11
N LEU A 414 4.88 10.44 14.96
CA LEU A 414 5.58 11.64 14.49
C LEU A 414 5.41 12.80 15.47
N TRP A 415 4.18 13.05 15.90
CA TRP A 415 3.90 14.09 16.87
C TRP A 415 4.04 13.60 18.31
N LEU A 416 4.40 12.33 18.50
CA LEU A 416 4.61 11.82 19.85
C LEU A 416 5.70 12.61 20.56
N LEU A 417 6.76 12.97 19.84
CA LEU A 417 7.90 13.67 20.42
C LEU A 417 7.57 15.15 20.42
N LEU A 418 7.25 15.71 21.59
CA LEU A 418 6.75 17.07 21.70
C LEU A 418 7.61 17.97 22.59
N ASP A 419 8.29 17.43 23.59
CA ASP A 419 9.05 18.25 24.53
C ASP A 419 10.21 17.46 25.08
N GLY A 420 11.16 18.18 25.69
CA GLY A 420 12.34 17.56 26.28
C GLY A 420 12.01 16.52 27.33
C01 XY8 B . 15.79 8.86 -8.17
C02 XY8 B . 16.29 9.66 -9.38
C03 XY8 B . 15.11 10.22 -10.19
C05 XY8 B . 18.10 9.21 -11.08
C07 XY8 B . 19.65 10.84 -11.70
C08 XY8 B . 20.06 10.04 -12.77
C09 XY8 B . 21.07 10.53 -13.59
C11 XY8 B . 21.27 12.49 -12.39
C12 XY8 B . 21.93 13.82 -12.21
C13 XY8 B . 20.26 12.09 -11.52
C15 XY8 B . 18.53 8.40 -12.16
C17 XY8 B . 18.77 6.15 -13.10
C18 XY8 B . 18.13 4.76 -13.04
C20 XY8 B . 16.05 3.46 -13.72
C21 XY8 B . 14.87 3.51 -14.64
C22 XY8 B . 14.99 3.17 -16.00
C24 XY8 B . 13.91 3.21 -16.86
C25 XY8 B . 12.67 3.62 -16.36
C27 XY8 B . 12.52 3.97 -15.03
C28 XY8 B . 13.61 3.91 -14.17
C29 XY8 B . 15.90 5.81 -12.77
C30 XY8 B . 16.54 7.19 -12.88
F23 XY8 B . 16.18 2.78 -16.49
F26 XY8 B . 11.60 3.66 -17.18
N04 XY8 B . 17.08 8.75 -10.22
N06 XY8 B . 18.67 10.42 -10.88
N10 XY8 B . 21.68 11.73 -13.43
N14 XY8 B . 19.49 8.84 -12.98
N16 XY8 B . 17.93 7.12 -12.40
N19 XY8 B . 16.71 4.83 -13.58
NA NA C . 9.01 6.17 -5.08
#